data_4XT8
#
_entry.id   4XT8
#
_cell.length_a   69.391
_cell.length_b   93.612
_cell.length_c   74.320
_cell.angle_alpha   90.000
_cell.angle_beta   90.000
_cell.angle_gamma   90.000
#
_symmetry.space_group_name_H-M   'C 2 2 21'
#
loop_
_entity.id
_entity.type
_entity.pdbx_description
1 polymer Rv2671
2 non-polymer 'NADP NICOTINAMIDE-ADENINE-DINUCLEOTIDE PHOSPHATE'
3 non-polymer TRIMETREXATE
4 non-polymer DI(HYDROXYETHYL)ETHER
5 non-polymer GLYCEROL
6 non-polymer 1,2-ETHANEDIOL
7 water water
#
_entity_poly.entity_id   1
_entity_poly.type   'polypeptide(L)'
_entity_poly.pdbx_seq_one_letter_code
;MPDSGQLGAADTPLRLLSSVHYLTDGELPQLYDYPDDGTWLRANFISSLDGGATVDGTSGAMAGPGDRFVFNLLRELADV
IVVGVGTVRIEGYSGVRMGVVQRQHRQARGQSEVPQLAIVTRSGRLDRDMAVFTRTEMAPLVLTTTAVADDTRQRLAGLA
EVIACSGDDPGTVDEAVLVSQLAARGLRRILTEGGPTLLGTFVERDVLDELCLTIAPYVVGGLARRIVTGPGQVLTRMRC
AHVLTDDSGYLYTRYVKT
;
_entity_poly.pdbx_strand_id   A
#
loop_
_chem_comp.id
_chem_comp.type
_chem_comp.name
_chem_comp.formula
EDO non-polymer 1,2-ETHANEDIOL 'C2 H6 O2'
GOL non-polymer GLYCEROL 'C3 H8 O3'
NAP non-polymer 'NADP NICOTINAMIDE-ADENINE-DINUCLEOTIDE PHOSPHATE' 'C21 H28 N7 O17 P3'
PEG non-polymer DI(HYDROXYETHYL)ETHER 'C4 H10 O3'
TMQ non-polymer TRIMETREXATE 'C19 H24 N5 O3 1'
#
# COMPACT_ATOMS: atom_id res chain seq x y z
N PRO A 13 -10.34 9.84 -32.28
CA PRO A 13 -10.26 8.74 -31.33
C PRO A 13 -9.89 9.26 -29.95
N LEU A 14 -9.63 10.55 -29.85
CA LEU A 14 -9.22 11.16 -28.59
C LEU A 14 -10.36 11.91 -27.91
N ARG A 15 -10.47 11.74 -26.60
CA ARG A 15 -11.50 12.41 -25.85
C ARG A 15 -10.86 13.32 -24.83
N LEU A 16 -11.39 14.53 -24.70
CA LEU A 16 -10.89 15.47 -23.71
C LEU A 16 -11.46 15.09 -22.35
N LEU A 17 -10.62 14.96 -21.33
CA LEU A 17 -11.12 14.77 -19.97
C LEU A 17 -11.31 16.13 -19.34
N SER A 18 -12.40 16.29 -18.60
CA SER A 18 -12.64 17.50 -17.85
C SER A 18 -13.28 17.10 -16.54
N SER A 19 -13.18 17.98 -15.55
CA SER A 19 -13.90 17.80 -14.30
C SER A 19 -15.39 17.86 -14.60
N VAL A 20 -16.11 16.82 -14.22
CA VAL A 20 -17.53 16.75 -14.50
C VAL A 20 -18.31 16.64 -13.21
N HIS A 21 -17.58 16.49 -12.11
CA HIS A 21 -18.23 16.22 -10.84
C HIS A 21 -17.33 16.51 -9.67
N TYR A 22 -17.85 17.29 -8.72
CA TYR A 22 -17.22 17.44 -7.41
C TYR A 22 -17.61 16.26 -6.56
N LEU A 23 -16.61 15.55 -6.06
CA LEU A 23 -16.87 14.35 -5.29
C LEU A 23 -17.21 14.71 -3.85
N THR A 24 -18.35 14.19 -3.38
CA THR A 24 -18.73 14.34 -1.99
C THR A 24 -17.97 13.30 -1.16
N ASP A 25 -17.92 13.54 0.15
CA ASP A 25 -17.27 12.62 1.08
C ASP A 25 -17.88 11.23 1.03
N GLY A 26 -19.10 11.13 0.51
CA GLY A 26 -19.77 9.85 0.40
C GLY A 26 -19.45 9.11 -0.88
N GLU A 27 -19.16 9.86 -1.93
CA GLU A 27 -18.89 9.29 -3.26
C GLU A 27 -17.45 8.89 -3.41
N LEU A 28 -16.53 9.66 -2.84
CA LEU A 28 -15.11 9.35 -2.95
C LEU A 28 -14.74 7.92 -2.51
N PRO A 29 -15.24 7.47 -1.34
CA PRO A 29 -15.01 6.08 -0.92
C PRO A 29 -15.57 5.08 -1.91
N GLN A 30 -16.67 5.45 -2.55
CA GLN A 30 -17.33 4.58 -3.52
C GLN A 30 -16.45 4.35 -4.76
N LEU A 31 -15.72 5.39 -5.17
CA LEU A 31 -14.81 5.26 -6.30
C LEU A 31 -13.68 4.31 -6.00
N TYR A 32 -13.32 4.20 -4.73
CA TYR A 32 -12.21 3.36 -4.34
C TYR A 32 -12.72 2.17 -3.54
N ASP A 33 -13.96 1.77 -3.82
CA ASP A 33 -14.53 0.60 -3.15
C ASP A 33 -13.69 -0.62 -3.46
N TYR A 34 -13.53 -1.49 -2.47
CA TYR A 34 -13.00 -2.81 -2.72
C TYR A 34 -14.13 -3.68 -3.25
N PRO A 35 -13.77 -4.80 -3.91
CA PRO A 35 -14.79 -5.78 -4.30
C PRO A 35 -15.56 -6.30 -3.09
N ASP A 36 -16.79 -6.74 -3.32
CA ASP A 36 -17.64 -7.25 -2.24
C ASP A 36 -17.07 -8.50 -1.60
N ASP A 37 -16.42 -9.32 -2.42
CA ASP A 37 -15.81 -10.54 -1.91
C ASP A 37 -14.45 -10.77 -2.56
N GLY A 38 -13.66 -11.64 -1.94
CA GLY A 38 -12.38 -12.01 -2.50
C GLY A 38 -11.30 -11.06 -2.04
N THR A 39 -10.06 -11.46 -2.23
CA THR A 39 -8.94 -10.63 -1.87
C THR A 39 -8.76 -9.58 -2.94
N TRP A 40 -8.23 -8.43 -2.54
CA TRP A 40 -7.96 -7.40 -3.53
C TRP A 40 -6.74 -6.66 -3.06
N LEU A 41 -5.69 -6.71 -3.87
CA LEU A 41 -4.46 -6.02 -3.53
C LEU A 41 -4.41 -4.72 -4.30
N ARG A 42 -4.65 -3.63 -3.58
CA ARG A 42 -4.57 -2.30 -4.15
C ARG A 42 -3.25 -1.67 -3.73
N ALA A 43 -2.60 -0.99 -4.67
CA ALA A 43 -1.41 -0.24 -4.34
C ALA A 43 -1.76 1.23 -4.42
N ASN A 44 -1.20 2.01 -3.50
CA ASN A 44 -1.29 3.43 -3.62
C ASN A 44 0.10 3.98 -3.68
N PHE A 45 0.40 4.65 -4.79
CA PHE A 45 1.69 5.31 -4.94
C PHE A 45 1.53 6.72 -5.44
N ILE A 46 2.59 7.49 -5.31
CA ILE A 46 2.62 8.80 -5.91
C ILE A 46 3.89 8.93 -6.73
N SER A 47 3.81 9.59 -7.87
N SER A 47 3.79 9.61 -7.86
CA SER A 47 5.01 9.80 -8.66
CA SER A 47 4.90 9.75 -8.80
C SER A 47 4.90 11.11 -9.40
C SER A 47 4.87 11.13 -9.43
N SER A 48 6.05 11.67 -9.72
CA SER A 48 6.11 12.91 -10.44
C SER A 48 5.78 12.63 -11.90
N LEU A 49 5.70 13.68 -12.69
CA LEU A 49 5.38 13.54 -14.10
C LEU A 49 6.46 12.71 -14.77
N ASP A 50 7.70 12.90 -14.33
CA ASP A 50 8.79 12.19 -14.95
C ASP A 50 9.13 10.92 -14.18
N GLY A 51 8.13 10.38 -13.49
CA GLY A 51 8.17 9.02 -12.99
C GLY A 51 8.99 8.82 -11.74
N GLY A 52 9.34 9.90 -11.06
CA GLY A 52 10.11 9.81 -9.83
C GLY A 52 9.23 9.53 -8.63
N ALA A 53 9.65 8.58 -7.81
CA ALA A 53 8.86 8.12 -6.66
C ALA A 53 9.26 8.86 -5.41
N THR A 54 10.36 9.58 -5.49
CA THR A 54 10.87 10.25 -4.30
C THR A 54 11.34 11.64 -4.60
N VAL A 55 11.28 12.48 -3.58
CA VAL A 55 11.90 13.79 -3.60
C VAL A 55 12.70 13.81 -2.31
N ASP A 56 14.01 14.00 -2.43
CA ASP A 56 14.86 14.02 -1.24
C ASP A 56 14.73 12.72 -0.44
N GLY A 57 14.62 11.60 -1.14
CA GLY A 57 14.68 10.30 -0.51
C GLY A 57 13.34 9.69 -0.11
N THR A 58 12.30 10.51 -0.05
CA THR A 58 10.99 10.03 0.36
C THR A 58 9.90 10.57 -0.55
N SER A 59 8.66 10.14 -0.35
CA SER A 59 7.61 10.50 -1.29
C SER A 59 6.77 11.70 -0.88
N GLY A 60 6.79 12.04 0.40
CA GLY A 60 5.94 13.06 0.97
C GLY A 60 5.99 14.46 0.37
N ALA A 61 7.14 14.87 -0.13
CA ALA A 61 7.27 16.23 -0.64
C ALA A 61 6.43 16.46 -1.88
N MET A 62 6.00 15.37 -2.53
CA MET A 62 5.19 15.48 -3.73
C MET A 62 3.72 15.49 -3.38
N ALA A 63 3.42 15.08 -2.15
CA ALA A 63 2.06 14.85 -1.70
C ALA A 63 1.49 16.11 -1.08
N GLY A 64 0.49 16.69 -1.74
CA GLY A 64 -0.20 17.80 -1.13
C GLY A 64 -1.42 17.32 -0.36
N PRO A 65 -2.26 18.26 0.07
CA PRO A 65 -3.50 17.99 0.82
C PRO A 65 -4.38 16.99 0.08
N GLY A 66 -4.43 17.08 -1.24
CA GLY A 66 -5.28 16.19 -2.01
C GLY A 66 -4.79 14.76 -1.93
N ASP A 67 -3.50 14.58 -2.16
CA ASP A 67 -2.96 13.24 -2.07
C ASP A 67 -3.02 12.71 -0.66
N ARG A 68 -2.79 13.55 0.34
CA ARG A 68 -2.90 13.07 1.71
C ARG A 68 -4.31 12.62 1.97
N PHE A 69 -5.26 13.35 1.41
CA PHE A 69 -6.66 13.03 1.62
C PHE A 69 -6.98 11.65 1.01
N VAL A 70 -6.56 11.46 -0.23
CA VAL A 70 -6.79 10.17 -0.90
C VAL A 70 -6.07 9.05 -0.15
N PHE A 71 -4.83 9.31 0.24
CA PHE A 71 -3.96 8.36 0.94
C PHE A 71 -4.65 7.86 2.21
N ASN A 72 -5.13 8.82 2.99
CA ASN A 72 -5.85 8.52 4.22
C ASN A 72 -7.14 7.79 3.94
N LEU A 73 -7.84 8.18 2.88
CA LEU A 73 -9.04 7.45 2.49
C LEU A 73 -8.77 5.98 2.16
N LEU A 74 -7.74 5.73 1.37
CA LEU A 74 -7.41 4.35 1.00
C LEU A 74 -7.02 3.56 2.24
N ARG A 75 -6.33 4.22 3.17
CA ARG A 75 -6.05 3.55 4.43
C ARG A 75 -7.33 3.23 5.17
N GLU A 76 -8.27 4.15 5.12
CA GLU A 76 -9.52 4.00 5.85
C GLU A 76 -10.31 2.83 5.29
N LEU A 77 -10.15 2.59 3.98
CA LEU A 77 -10.93 1.56 3.31
C LEU A 77 -10.29 0.19 3.43
N ALA A 78 -9.00 0.18 3.71
CA ALA A 78 -8.24 -1.07 3.70
C ALA A 78 -8.40 -1.85 5.00
N ASP A 79 -8.36 -3.17 4.88
CA ASP A 79 -8.31 -4.02 6.06
C ASP A 79 -6.89 -4.02 6.60
N VAL A 80 -5.93 -3.80 5.73
CA VAL A 80 -4.56 -3.93 6.15
C VAL A 80 -3.70 -3.16 5.17
N ILE A 81 -2.65 -2.55 5.69
CA ILE A 81 -1.74 -1.78 4.88
C ILE A 81 -0.43 -2.51 4.88
N VAL A 82 -0.04 -3.00 3.72
CA VAL A 82 1.14 -3.80 3.56
C VAL A 82 2.23 -2.93 2.99
N VAL A 83 3.37 -2.96 3.66
CA VAL A 83 4.50 -2.13 3.26
C VAL A 83 5.80 -2.88 3.42
N GLY A 84 6.76 -2.59 2.55
CA GLY A 84 8.07 -3.22 2.66
C GLY A 84 8.75 -2.59 3.86
N VAL A 85 9.71 -3.29 4.43
CA VAL A 85 10.36 -2.76 5.61
C VAL A 85 11.20 -1.55 5.22
N GLY A 86 11.61 -1.49 3.95
CA GLY A 86 12.38 -0.37 3.45
C GLY A 86 11.61 0.93 3.59
N THR A 87 10.37 0.92 3.11
N THR A 87 10.37 0.97 3.16
CA THR A 87 9.50 2.08 3.21
CA THR A 87 9.59 2.19 3.30
C THR A 87 9.21 2.42 4.66
C THR A 87 9.24 2.46 4.73
N VAL A 88 8.96 1.39 5.45
CA VAL A 88 8.70 1.52 6.88
C VAL A 88 9.80 2.33 7.54
N ARG A 89 11.06 1.96 7.27
CA ARG A 89 12.18 2.70 7.82
C ARG A 89 12.31 4.09 7.22
N ILE A 90 12.33 4.15 5.89
CA ILE A 90 12.61 5.40 5.19
C ILE A 90 11.48 6.42 5.39
N GLU A 91 10.24 5.96 5.33
CA GLU A 91 9.11 6.88 5.48
C GLU A 91 8.73 7.02 6.94
N GLY A 92 9.42 6.29 7.81
CA GLY A 92 9.18 6.40 9.23
C GLY A 92 7.76 6.02 9.59
N TYR A 93 7.33 4.86 9.10
CA TYR A 93 6.00 4.34 9.43
C TYR A 93 5.86 4.06 10.91
N SER A 94 4.75 4.53 11.47
CA SER A 94 4.29 4.10 12.78
C SER A 94 2.87 3.60 12.54
N GLY A 95 2.15 3.36 13.62
CA GLY A 95 0.80 2.81 13.52
C GLY A 95 -0.12 3.66 12.68
N VAL A 96 -1.07 2.99 12.04
CA VAL A 96 -2.06 3.69 11.27
C VAL A 96 -2.91 4.50 12.22
N ARG A 97 -3.15 5.75 11.86
CA ARG A 97 -4.02 6.60 12.63
C ARG A 97 -5.38 6.62 11.97
N MET A 98 -6.43 6.54 12.78
CA MET A 98 -7.78 6.74 12.29
C MET A 98 -8.48 7.77 13.17
N GLY A 99 -9.10 8.76 12.54
CA GLY A 99 -9.89 9.73 13.29
C GLY A 99 -11.20 9.08 13.71
N VAL A 100 -11.96 9.78 14.55
CA VAL A 100 -13.22 9.26 15.06
C VAL A 100 -14.16 8.85 13.93
N VAL A 101 -14.31 9.74 12.95
CA VAL A 101 -15.22 9.51 11.85
C VAL A 101 -14.71 8.37 10.98
N GLN A 102 -13.39 8.27 10.86
CA GLN A 102 -12.78 7.19 10.09
C GLN A 102 -13.11 5.86 10.75
N ARG A 103 -12.94 5.80 12.06
CA ARG A 103 -13.29 4.62 12.84
C ARG A 103 -14.77 4.28 12.70
N GLN A 104 -15.62 5.29 12.70
CA GLN A 104 -17.07 5.07 12.55
C GLN A 104 -17.39 4.45 11.22
N HIS A 105 -16.83 5.02 10.15
CA HIS A 105 -16.99 4.48 8.81
C HIS A 105 -16.51 3.05 8.74
N ARG A 106 -15.34 2.80 9.34
CA ARG A 106 -14.78 1.46 9.36
C ARG A 106 -15.70 0.45 10.07
N GLN A 107 -16.24 0.85 11.22
CA GLN A 107 -17.21 0.01 11.96
C GLN A 107 -18.44 -0.27 11.11
N ALA A 108 -18.95 0.78 10.48
CA ALA A 108 -20.12 0.69 9.62
C ALA A 108 -19.91 -0.32 8.50
N ARG A 109 -18.68 -0.46 8.06
CA ARG A 109 -18.35 -1.39 6.98
C ARG A 109 -17.96 -2.76 7.50
N GLY A 110 -18.05 -2.93 8.83
CA GLY A 110 -17.75 -4.21 9.44
C GLY A 110 -16.27 -4.40 9.70
N GLN A 111 -15.53 -3.31 9.59
CA GLN A 111 -14.08 -3.35 9.75
C GLN A 111 -13.67 -2.91 11.15
N SER A 112 -12.49 -3.34 11.57
CA SER A 112 -11.92 -2.88 12.82
C SER A 112 -11.73 -1.38 12.73
N GLU A 113 -11.54 -0.73 13.87
CA GLU A 113 -11.41 0.72 13.88
C GLU A 113 -10.18 1.23 13.15
N VAL A 114 -9.09 0.47 13.24
CA VAL A 114 -7.84 0.86 12.59
C VAL A 114 -7.30 -0.32 11.78
N PRO A 115 -6.93 -0.08 10.51
CA PRO A 115 -6.35 -1.20 9.76
C PRO A 115 -5.00 -1.55 10.33
N GLN A 116 -4.66 -2.82 10.22
CA GLN A 116 -3.37 -3.27 10.67
C GLN A 116 -2.32 -2.85 9.69
N LEU A 117 -1.07 -2.81 10.15
CA LEU A 117 0.06 -2.65 9.28
C LEU A 117 0.65 -4.04 9.13
N ALA A 118 1.17 -4.35 7.96
CA ALA A 118 1.80 -5.63 7.68
C ALA A 118 3.11 -5.25 7.03
N ILE A 119 4.21 -5.61 7.67
CA ILE A 119 5.52 -5.30 7.15
C ILE A 119 6.09 -6.53 6.48
N VAL A 120 6.52 -6.37 5.24
CA VAL A 120 7.02 -7.48 4.47
C VAL A 120 8.53 -7.50 4.55
N THR A 121 9.08 -8.66 4.84
CA THR A 121 10.52 -8.80 4.94
C THR A 121 10.91 -10.23 4.61
N ARG A 122 11.85 -10.38 3.69
CA ARG A 122 12.36 -11.71 3.39
C ARG A 122 13.34 -12.12 4.47
N SER A 123 14.12 -11.16 4.96
CA SER A 123 15.16 -11.44 5.94
C SER A 123 14.57 -11.66 7.31
N GLY A 124 13.51 -10.94 7.62
CA GLY A 124 12.92 -10.99 8.95
C GLY A 124 13.78 -10.22 9.92
N ARG A 125 14.81 -9.56 9.41
CA ARG A 125 15.73 -8.81 10.26
C ARG A 125 15.16 -7.48 10.67
N LEU A 126 14.10 -7.56 11.47
CA LEU A 126 13.43 -6.40 12.03
C LEU A 126 13.84 -6.25 13.50
N ASP A 127 14.12 -5.02 13.92
CA ASP A 127 14.42 -4.75 15.32
C ASP A 127 13.15 -4.51 16.10
N ARG A 128 13.17 -4.94 17.36
CA ARG A 128 12.08 -4.67 18.30
C ARG A 128 11.75 -3.19 18.45
N ASP A 129 12.70 -2.33 18.06
N ASP A 129 12.70 -2.34 18.05
CA ASP A 129 12.63 -0.91 18.40
CA ASP A 129 12.69 -0.91 18.37
C ASP A 129 11.72 -0.04 17.51
C ASP A 129 11.78 -0.03 17.50
N MET A 130 11.44 -0.51 16.30
CA MET A 130 10.75 0.32 15.29
C MET A 130 9.40 0.91 15.70
N ALA A 131 9.10 2.07 15.11
CA ALA A 131 7.86 2.77 15.39
C ALA A 131 6.63 2.01 14.92
N VAL A 132 6.82 1.14 13.93
CA VAL A 132 5.74 0.27 13.50
C VAL A 132 5.34 -0.65 14.64
N PHE A 133 6.29 -0.92 15.53
CA PHE A 133 6.01 -1.71 16.73
C PHE A 133 5.61 -0.83 17.94
N THR A 134 6.15 0.37 17.99
CA THR A 134 6.03 1.22 19.19
C THR A 134 4.87 2.22 19.18
N ARG A 135 4.79 3.04 18.15
CA ARG A 135 3.75 4.06 18.12
C ARG A 135 2.58 3.52 17.33
N THR A 136 1.89 2.55 17.90
CA THR A 136 0.82 1.88 17.18
C THR A 136 -0.33 1.41 18.08
N GLU A 137 -1.54 1.80 17.72
CA GLU A 137 -2.72 1.30 18.40
C GLU A 137 -2.83 -0.19 18.13
N MET A 138 -2.76 -0.55 16.85
CA MET A 138 -2.87 -1.94 16.42
C MET A 138 -1.51 -2.57 16.21
N ALA A 139 -1.27 -3.72 16.85
CA ALA A 139 -0.05 -4.48 16.63
C ALA A 139 0.01 -4.88 15.17
N PRO A 140 1.20 -4.80 14.55
CA PRO A 140 1.28 -5.06 13.12
C PRO A 140 1.63 -6.49 12.80
N LEU A 141 1.38 -6.89 11.55
CA LEU A 141 1.82 -8.19 11.10
C LEU A 141 3.21 -8.06 10.53
N VAL A 142 3.97 -9.14 10.58
CA VAL A 142 5.23 -9.23 9.88
C VAL A 142 5.10 -10.42 8.93
N LEU A 143 5.07 -10.12 7.64
CA LEU A 143 4.94 -11.12 6.59
C LEU A 143 6.32 -11.47 6.12
N THR A 144 6.69 -12.72 6.33
CA THR A 144 8.06 -13.11 6.04
C THR A 144 8.12 -14.54 5.51
N THR A 145 9.29 -15.14 5.55
CA THR A 145 9.46 -16.46 4.95
C THR A 145 9.30 -17.55 5.98
N THR A 146 9.02 -18.76 5.50
CA THR A 146 8.98 -19.92 6.38
C THR A 146 10.30 -20.10 7.08
N ALA A 147 11.38 -19.87 6.35
CA ALA A 147 12.73 -20.07 6.88
C ALA A 147 13.04 -19.24 8.11
N VAL A 148 12.59 -17.98 8.13
CA VAL A 148 12.93 -17.10 9.26
C VAL A 148 11.75 -16.81 10.19
N ALA A 149 10.58 -17.36 9.88
CA ALA A 149 9.36 -17.00 10.60
C ALA A 149 9.46 -17.26 12.09
N ASP A 150 10.06 -18.39 12.46
CA ASP A 150 10.11 -18.76 13.87
C ASP A 150 11.03 -17.86 14.68
N ASP A 151 12.26 -17.68 14.21
CA ASP A 151 13.19 -16.80 14.91
C ASP A 151 12.64 -15.39 14.94
N THR A 152 11.98 -14.97 13.86
CA THR A 152 11.41 -13.63 13.79
C THR A 152 10.28 -13.47 14.82
N ARG A 153 9.45 -14.49 14.90
CA ARG A 153 8.34 -14.53 15.85
C ARG A 153 8.88 -14.40 17.27
N GLN A 154 9.91 -15.18 17.58
CA GLN A 154 10.53 -15.12 18.90
C GLN A 154 11.10 -13.73 19.17
N ARG A 155 11.94 -13.25 18.25
CA ARG A 155 12.55 -11.92 18.36
C ARG A 155 11.50 -10.84 18.54
N LEU A 156 10.35 -10.98 17.89
CA LEU A 156 9.35 -9.92 17.89
C LEU A 156 8.15 -10.24 18.77
N ALA A 157 8.30 -11.25 19.63
CA ALA A 157 7.24 -11.65 20.54
C ALA A 157 6.69 -10.45 21.31
N GLY A 158 5.36 -10.30 21.31
CA GLY A 158 4.69 -9.20 21.98
C GLY A 158 4.60 -7.93 21.13
N LEU A 159 5.26 -7.93 19.98
CA LEU A 159 5.36 -6.71 19.17
C LEU A 159 4.61 -6.82 17.87
N ALA A 160 4.61 -8.03 17.31
CA ALA A 160 4.06 -8.26 15.98
C ALA A 160 3.65 -9.70 15.83
N GLU A 161 2.61 -9.92 15.03
CA GLU A 161 2.21 -11.27 14.64
C GLU A 161 3.03 -11.60 13.40
N VAL A 162 3.90 -12.59 13.53
CA VAL A 162 4.77 -12.98 12.42
C VAL A 162 4.13 -14.10 11.64
N ILE A 163 4.01 -13.88 10.33
CA ILE A 163 3.30 -14.81 9.47
C ILE A 163 4.24 -15.25 8.36
N ALA A 164 4.40 -16.56 8.22
CA ALA A 164 5.22 -17.12 7.15
C ALA A 164 4.40 -17.07 5.87
N CYS A 165 4.99 -16.53 4.81
CA CYS A 165 4.27 -16.34 3.56
C CYS A 165 4.98 -16.99 2.39
N SER A 166 5.66 -18.09 2.66
CA SER A 166 6.35 -18.81 1.61
C SER A 166 5.37 -19.71 0.89
N GLY A 167 5.62 -19.94 -0.38
CA GLY A 167 4.88 -20.92 -1.15
C GLY A 167 5.76 -22.15 -1.24
N ASP A 168 6.30 -22.40 -2.42
CA ASP A 168 7.17 -23.57 -2.62
C ASP A 168 8.51 -23.39 -1.93
N ASP A 169 9.00 -22.17 -1.88
CA ASP A 169 10.34 -21.92 -1.39
C ASP A 169 10.28 -21.33 0.01
N PRO A 170 10.73 -22.09 1.02
CA PRO A 170 10.70 -21.58 2.40
C PRO A 170 11.62 -20.37 2.58
N GLY A 171 12.53 -20.13 1.65
CA GLY A 171 13.44 -19.01 1.75
C GLY A 171 12.91 -17.71 1.19
N THR A 172 11.74 -17.75 0.56
CA THR A 172 11.20 -16.53 -0.06
C THR A 172 9.76 -16.30 0.32
N VAL A 173 9.32 -15.06 0.13
CA VAL A 173 7.91 -14.78 0.22
C VAL A 173 7.31 -15.08 -1.15
N ASP A 174 6.18 -15.78 -1.16
CA ASP A 174 5.41 -15.96 -2.37
C ASP A 174 4.32 -14.93 -2.20
N GLU A 175 4.26 -13.94 -3.09
CA GLU A 175 3.37 -12.82 -2.88
C GLU A 175 1.89 -13.20 -2.97
N ALA A 176 1.60 -14.27 -3.72
CA ALA A 176 0.24 -14.78 -3.78
C ALA A 176 -0.11 -15.37 -2.43
N VAL A 177 0.85 -16.08 -1.86
CA VAL A 177 0.68 -16.63 -0.54
C VAL A 177 0.53 -15.49 0.46
N LEU A 178 1.32 -14.45 0.34
CA LEU A 178 1.22 -13.30 1.25
C LEU A 178 -0.22 -12.76 1.27
N VAL A 179 -0.73 -12.50 0.07
CA VAL A 179 -2.09 -12.02 -0.08
C VAL A 179 -3.07 -12.99 0.58
N SER A 180 -2.85 -14.29 0.35
N SER A 180 -2.84 -14.28 0.35
CA SER A 180 -3.72 -15.31 0.91
CA SER A 180 -3.68 -15.34 0.90
C SER A 180 -3.68 -15.37 2.44
C SER A 180 -3.67 -15.40 2.42
N GLN A 181 -2.52 -15.14 3.03
CA GLN A 181 -2.37 -15.20 4.48
C GLN A 181 -3.11 -14.03 5.09
N LEU A 182 -3.02 -12.90 4.41
CA LEU A 182 -3.79 -11.74 4.85
C LEU A 182 -5.28 -12.04 4.80
N ALA A 183 -5.75 -12.53 3.65
CA ALA A 183 -7.19 -12.83 3.50
C ALA A 183 -7.64 -13.83 4.55
N ALA A 184 -6.80 -14.85 4.75
CA ALA A 184 -7.01 -15.90 5.72
C ALA A 184 -7.24 -15.28 7.07
N ARG A 185 -6.57 -14.16 7.34
CA ARG A 185 -6.86 -13.47 8.58
C ARG A 185 -8.03 -12.46 8.51
N GLY A 186 -8.81 -12.51 7.44
CA GLY A 186 -9.95 -11.62 7.28
C GLY A 186 -9.53 -10.26 6.75
N LEU A 187 -8.29 -10.19 6.31
CA LEU A 187 -7.73 -8.94 5.80
C LEU A 187 -7.67 -9.00 4.28
N ARG A 188 -8.82 -9.14 3.64
CA ARG A 188 -8.87 -9.38 2.20
C ARG A 188 -8.77 -8.07 1.41
N ARG A 189 -9.13 -6.96 2.05
CA ARG A 189 -9.05 -5.67 1.38
C ARG A 189 -7.70 -5.03 1.69
N ILE A 190 -6.75 -5.32 0.81
CA ILE A 190 -5.37 -5.02 1.09
C ILE A 190 -4.98 -3.73 0.40
N LEU A 191 -4.20 -2.92 1.09
CA LEU A 191 -3.66 -1.73 0.47
C LEU A 191 -2.18 -1.88 0.63
N THR A 192 -1.40 -1.71 -0.43
CA THR A 192 0.03 -1.63 -0.18
C THR A 192 0.51 -0.25 -0.50
N GLU A 193 1.39 0.25 0.34
CA GLU A 193 1.85 1.63 0.13
C GLU A 193 3.29 1.64 -0.32
N GLY A 194 3.81 0.48 -0.65
CA GLY A 194 5.16 0.40 -1.13
C GLY A 194 6.03 -0.46 -0.25
N GLY A 195 7.33 -0.43 -0.51
CA GLY A 195 7.84 0.44 -1.56
C GLY A 195 8.03 -0.21 -2.90
N PRO A 196 8.88 0.40 -3.72
CA PRO A 196 9.12 -0.01 -5.10
C PRO A 196 9.63 -1.43 -5.21
N THR A 197 10.39 -1.89 -4.23
CA THR A 197 10.81 -3.29 -4.27
C THR A 197 9.59 -4.19 -4.09
N LEU A 198 8.86 -3.91 -3.02
CA LEU A 198 7.65 -4.69 -2.74
C LEU A 198 6.69 -4.65 -3.92
N LEU A 199 6.43 -3.45 -4.40
CA LEU A 199 5.52 -3.28 -5.54
C LEU A 199 6.03 -4.07 -6.73
N GLY A 200 7.33 -4.02 -6.96
CA GLY A 200 7.96 -4.78 -8.03
C GLY A 200 7.64 -6.25 -7.91
N THR A 201 7.75 -6.80 -6.69
CA THR A 201 7.43 -8.21 -6.50
C THR A 201 5.95 -8.52 -6.74
N PHE A 202 5.08 -7.61 -6.29
CA PHE A 202 3.65 -7.82 -6.49
C PHE A 202 3.33 -7.86 -7.98
N VAL A 203 3.99 -6.97 -8.70
CA VAL A 203 3.80 -6.86 -10.14
C VAL A 203 4.35 -8.09 -10.86
N GLU A 204 5.52 -8.56 -10.43
CA GLU A 204 6.13 -9.76 -11.01
C GLU A 204 5.31 -11.02 -10.72
N ARG A 205 4.78 -11.12 -9.51
CA ARG A 205 3.99 -12.28 -9.14
C ARG A 205 2.58 -12.17 -9.71
N ASP A 206 2.30 -11.06 -10.38
CA ASP A 206 0.99 -10.81 -10.98
C ASP A 206 -0.13 -10.84 -9.96
N VAL A 207 0.11 -10.33 -8.76
CA VAL A 207 -0.95 -10.29 -7.75
C VAL A 207 -1.45 -8.87 -7.47
N LEU A 208 -0.93 -7.89 -8.21
CA LEU A 208 -1.43 -6.54 -8.04
C LEU A 208 -2.76 -6.43 -8.76
N ASP A 209 -3.83 -6.20 -8.01
CA ASP A 209 -5.14 -6.06 -8.63
C ASP A 209 -5.37 -4.64 -9.11
N GLU A 210 -4.84 -3.69 -8.39
CA GLU A 210 -5.17 -2.31 -8.65
C GLU A 210 -4.02 -1.40 -8.25
N LEU A 211 -3.78 -0.37 -9.05
CA LEU A 211 -2.79 0.62 -8.73
C LEU A 211 -3.49 1.95 -8.66
N CYS A 212 -3.48 2.55 -7.49
CA CYS A 212 -3.92 3.92 -7.36
C CYS A 212 -2.69 4.76 -7.40
N LEU A 213 -2.62 5.63 -8.39
CA LEU A 213 -1.41 6.39 -8.60
C LEU A 213 -1.72 7.85 -8.61
N THR A 214 -1.13 8.56 -7.65
CA THR A 214 -1.13 9.99 -7.72
C THR A 214 0.00 10.45 -8.59
N ILE A 215 -0.37 11.23 -9.60
CA ILE A 215 0.57 11.82 -10.48
C ILE A 215 0.65 13.27 -10.03
N ALA A 216 1.78 13.59 -9.41
CA ALA A 216 2.04 14.91 -8.88
C ALA A 216 2.59 15.75 -10.00
N PRO A 217 2.11 16.99 -10.09
CA PRO A 217 2.43 17.84 -11.24
C PRO A 217 3.82 18.46 -11.09
N TYR A 218 4.82 17.59 -10.97
CA TYR A 218 6.21 18.02 -10.87
C TYR A 218 7.05 17.21 -11.81
N VAL A 219 8.13 17.79 -12.30
CA VAL A 219 9.23 16.97 -12.75
C VAL A 219 10.31 17.06 -11.67
N VAL A 220 10.97 15.95 -11.38
CA VAL A 220 11.91 15.96 -10.26
C VAL A 220 13.35 15.69 -10.68
N GLY A 221 13.57 15.48 -11.98
CA GLY A 221 14.91 15.21 -12.46
C GLY A 221 15.26 13.74 -12.35
N GLY A 222 16.47 13.38 -12.75
CA GLY A 222 16.78 11.98 -12.98
C GLY A 222 17.16 11.12 -11.78
N LEU A 223 17.45 11.76 -10.65
CA LEU A 223 17.93 11.03 -9.48
C LEU A 223 16.93 9.97 -8.95
N ALA A 224 15.67 10.36 -8.78
CA ALA A 224 14.70 9.48 -8.12
C ALA A 224 14.53 8.15 -8.83
N ARG A 225 14.25 7.12 -8.04
CA ARG A 225 13.87 5.82 -8.56
C ARG A 225 12.39 5.90 -8.93
N ARG A 226 11.91 4.89 -9.64
CA ARG A 226 10.49 4.80 -9.96
C ARG A 226 9.72 4.18 -8.80
N ILE A 227 8.39 4.12 -8.93
CA ILE A 227 7.57 3.55 -7.86
C ILE A 227 7.68 2.03 -7.84
N VAL A 228 8.31 1.48 -8.89
CA VAL A 228 8.63 0.05 -8.97
C VAL A 228 10.11 -0.09 -9.28
N THR A 229 10.81 -0.88 -8.48
CA THR A 229 12.18 -1.24 -8.77
C THR A 229 12.32 -2.76 -8.80
N GLY A 230 13.50 -3.23 -9.21
CA GLY A 230 13.72 -4.65 -9.32
C GLY A 230 14.18 -4.97 -10.72
N PRO A 231 14.54 -6.24 -10.96
CA PRO A 231 15.07 -6.67 -12.24
C PRO A 231 13.93 -6.99 -13.18
N GLY A 232 12.71 -6.90 -12.67
CA GLY A 232 11.53 -7.29 -13.42
C GLY A 232 11.29 -6.48 -14.67
N GLN A 233 10.94 -7.19 -15.73
CA GLN A 233 10.46 -6.56 -16.94
C GLN A 233 9.16 -7.28 -17.26
N VAL A 234 8.05 -6.62 -16.99
CA VAL A 234 6.75 -7.17 -17.36
C VAL A 234 6.03 -6.20 -18.29
N LEU A 235 4.83 -6.56 -18.70
CA LEU A 235 3.99 -5.65 -19.43
C LEU A 235 2.55 -5.95 -19.06
N THR A 236 2.20 -5.64 -17.82
CA THR A 236 0.87 -5.92 -17.30
C THR A 236 -0.05 -4.77 -17.70
N ARG A 237 -1.05 -5.10 -18.51
CA ARG A 237 -2.00 -4.13 -18.99
C ARG A 237 -3.01 -3.79 -17.90
N MET A 238 -3.30 -2.51 -17.76
CA MET A 238 -4.28 -2.11 -16.78
C MET A 238 -5.35 -1.24 -17.41
N ARG A 239 -6.51 -1.23 -16.80
CA ARG A 239 -7.65 -0.47 -17.29
C ARG A 239 -7.76 0.77 -16.42
N CYS A 240 -7.91 1.92 -17.05
CA CYS A 240 -8.08 3.15 -16.30
C CYS A 240 -9.50 3.23 -15.77
N ALA A 241 -9.65 2.98 -14.47
CA ALA A 241 -10.95 3.01 -13.81
C ALA A 241 -11.40 4.45 -13.58
N HIS A 242 -10.50 5.29 -13.08
CA HIS A 242 -10.86 6.69 -12.96
C HIS A 242 -9.63 7.58 -12.89
N VAL A 243 -9.85 8.86 -13.17
CA VAL A 243 -8.86 9.86 -12.91
C VAL A 243 -9.59 10.98 -12.21
N LEU A 244 -9.11 11.33 -11.03
CA LEU A 244 -9.62 12.49 -10.34
C LEU A 244 -8.55 13.56 -10.40
N THR A 245 -8.94 14.78 -10.08
CA THR A 245 -7.99 15.86 -10.04
C THR A 245 -8.40 16.79 -8.92
N ASP A 246 -7.52 17.70 -8.59
CA ASP A 246 -7.86 18.73 -7.61
C ASP A 246 -7.47 20.05 -8.24
N ASP A 247 -7.53 21.13 -7.46
CA ASP A 247 -7.22 22.44 -8.03
C ASP A 247 -5.74 22.60 -8.33
N SER A 248 -4.91 21.71 -7.80
CA SER A 248 -3.46 21.87 -7.94
C SER A 248 -2.86 21.02 -9.05
N GLY A 249 -3.69 20.41 -9.88
CA GLY A 249 -3.19 19.73 -11.06
C GLY A 249 -2.70 18.32 -10.82
N TYR A 250 -2.95 17.80 -9.63
CA TYR A 250 -2.65 16.40 -9.35
C TYR A 250 -3.67 15.53 -10.04
N LEU A 251 -3.24 14.37 -10.51
CA LEU A 251 -4.18 13.39 -11.02
C LEU A 251 -4.19 12.26 -10.04
N TYR A 252 -5.39 11.86 -9.61
CA TYR A 252 -5.53 10.73 -8.71
C TYR A 252 -6.13 9.62 -9.54
N THR A 253 -5.27 8.72 -9.97
CA THR A 253 -5.71 7.71 -10.91
C THR A 253 -5.95 6.41 -10.20
N ARG A 254 -6.78 5.59 -10.82
CA ARG A 254 -7.03 4.26 -10.31
C ARG A 254 -7.04 3.38 -11.51
N TYR A 255 -6.17 2.39 -11.52
CA TYR A 255 -6.07 1.46 -12.63
C TYR A 255 -6.29 0.08 -12.07
N VAL A 256 -7.01 -0.74 -12.81
CA VAL A 256 -7.35 -2.07 -12.33
C VAL A 256 -6.76 -3.05 -13.32
N LYS A 257 -6.18 -4.14 -12.83
CA LYS A 257 -5.54 -5.08 -13.75
C LYS A 257 -6.60 -5.66 -14.68
N THR A 258 -6.25 -5.81 -15.96
CA THR A 258 -7.18 -6.34 -16.95
C THR A 258 -7.06 -7.86 -17.03
PA NAP B . 10.45 -1.48 0.23
O1A NAP B . 9.95 -2.34 -0.91
O2A NAP B . 9.29 -1.10 1.14
O5B NAP B . 11.52 -2.17 1.08
C5B NAP B . 12.30 -3.20 0.63
C4B NAP B . 12.42 -4.32 1.62
O4B NAP B . 11.10 -4.84 2.02
C3B NAP B . 13.20 -5.47 1.14
O3B NAP B . 14.55 -5.33 1.37
C2B NAP B . 12.66 -6.55 1.93
O2B NAP B . 13.08 -6.48 3.25
C1B NAP B . 11.19 -6.20 1.90
N9A NAP B . 10.45 -6.71 0.75
C8A NAP B . 9.94 -6.04 -0.31
N7A NAP B . 9.32 -6.92 -1.10
C5A NAP B . 9.45 -8.15 -0.54
C6A NAP B . 9.03 -9.42 -0.88
N6A NAP B . 8.27 -9.62 -2.10
N1A NAP B . 9.33 -10.45 -0.08
C2A NAP B . 10.03 -10.28 1.06
N3A NAP B . 10.45 -9.07 1.43
C4A NAP B . 10.16 -8.01 0.63
O3 NAP B . 11.03 -0.15 -0.31
PN NAP B . 12.32 0.07 -1.11
O1N NAP B . 12.33 -0.68 -2.41
O2N NAP B . 13.53 -0.24 -0.29
O5D NAP B . 12.31 1.61 -1.45
C5D NAP B . 12.06 2.58 -0.48
C4D NAP B . 11.91 3.98 -1.08
O4D NAP B . 10.84 4.12 -1.95
C3D NAP B . 11.81 5.10 -0.05
O3D NAP B . 12.59 6.10 -0.50
C2D NAP B . 10.41 5.53 -0.09
O2D NAP B . 10.32 6.89 0.16
C1D NAP B . 9.97 5.24 -1.49
N1N NAP B . 8.52 5.05 -1.69
C2N NAP B . 7.84 5.83 -2.54
C3N NAP B . 6.47 5.65 -2.71
C7N NAP B . 5.73 6.52 -3.67
O7N NAP B . 4.53 6.37 -3.81
N7N NAP B . 6.45 7.54 -4.42
C4N NAP B . 5.80 4.67 -2.00
C5N NAP B . 6.51 3.89 -1.11
C6N NAP B . 7.87 4.11 -0.99
P2B NAP B . 14.26 -7.35 3.75
O1X NAP B . 14.15 -8.76 3.22
O2X NAP B . 14.18 -7.38 5.27
O3X NAP B . 15.55 -6.73 3.29
N1 TMQ C . 0.99 9.22 -1.68
C2 TMQ C . 0.56 8.15 -2.33
N3 TMQ C . 1.04 6.86 -2.18
C4 TMQ C . 2.03 6.69 -1.25
C3A TMQ C . 1.96 9.00 -0.76
C4A TMQ C . 2.57 7.77 -0.44
C5 TMQ C . 3.60 7.76 0.55
C6 TMQ C . 4.00 8.94 1.20
C7 TMQ C . 3.35 10.13 0.86
C8 TMQ C . 2.38 10.17 -0.09
C9 TMQ C . 5.09 8.96 2.26
N10 TMQ C . 4.97 8.23 3.48
C11 TMQ C . 3.96 8.50 4.42
C12 TMQ C . 2.98 9.51 4.25
C13 TMQ C . 2.01 9.70 5.24
C14 TMQ C . 1.97 8.92 6.41
C15 TMQ C . 2.97 7.94 6.55
C16 TMQ C . 3.93 7.73 5.59
C17 TMQ C . 4.26 6.46 0.89
O18 TMQ C . 1.07 10.70 5.05
O19 TMQ C . 1.01 9.15 7.38
O20 TMQ C . 2.94 7.19 7.66
C21 TMQ C . 0.51 10.82 3.75
C22 TMQ C . -0.09 8.27 7.41
C23 TMQ C . 3.49 7.76 8.80
N24 TMQ C . -0.44 8.32 -3.26
N25 TMQ C . 2.40 5.36 -1.18
C1 PEG D . -10.21 7.27 -19.14
O1 PEG D . -9.64 6.24 -19.92
C2 PEG D . -10.92 6.66 -17.95
O2 PEG D . -11.99 7.51 -17.58
C3 PEG D . -11.64 8.48 -16.63
C4 PEG D . -12.66 8.40 -15.51
O4 PEG D . -12.26 9.26 -14.47
C1 GOL E . 3.12 18.89 -2.15
O1 GOL E . 3.97 18.77 -3.27
C2 GOL E . 3.45 20.17 -1.41
O2 GOL E . 3.10 21.25 -2.24
C3 GOL E . 2.68 20.22 -0.08
O3 GOL E . 1.36 20.67 -0.31
C1 PEG F . 12.33 -9.98 -2.74
O1 PEG F . 12.58 -10.63 -3.97
C2 PEG F . 12.88 -8.57 -2.87
O2 PEG F . 13.35 -8.13 -1.61
C3 PEG F . 13.89 -9.12 -0.76
C4 PEG F . 15.21 -8.63 -0.19
O4 PEG F . 15.50 -9.38 0.97
C1 EDO G . -1.35 21.01 -3.64
O1 EDO G . -0.17 21.33 -2.87
C2 EDO G . -1.88 19.60 -3.37
O2 EDO G . -3.30 19.44 -3.59
C1 EDO H . -10.30 -5.07 9.26
O1 EDO H . -10.98 -4.26 8.29
C2 EDO H . -9.00 -4.34 9.53
O2 EDO H . -7.95 -5.22 9.93
#